data_9HNN
#
_entry.id   9HNN
#
_cell.length_a   49.800
_cell.length_b   103.400
_cell.length_c   104.800
_cell.angle_alpha   90.000
_cell.angle_beta   90.000
_cell.angle_gamma   90.000
#
_symmetry.space_group_name_H-M   'P 21 21 21'
#
loop_
_entity.id
_entity.type
_entity.pdbx_description
1 polymer 'Cryptochrome/photolyase family protein'
2 non-polymer 'FLAVIN-ADENINE DINUCLEOTIDE'
3 non-polymer 1-deoxy-1-(6,7-dimethyl-2,4-dioxo-3,4-dihydropteridin-8(2H)-yl)-D-ribitol
4 non-polymer 'IRON/SULFUR CLUSTER'
5 water water
#
_entity_poly.entity_id   1
_entity_poly.type   'polypeptide(L)'
_entity_poly.pdbx_seq_one_letter_code
;MAGALRLVLGDQLSDNLSALVDADLSRDQVLMVESRVEATAWKHHKQKLVLVWSAMRQFAERLRARGFNVRYVTLEDPDN
TGSIGGELRRALEARAFDRVIRTACGKWGLESHLLSLDLPVPMETREDDRFLCSRAQFAAWAEGRRELRMEFFYREMRRK
TGLLMDGDQPAGGRWNFDAENRRKLPPGLRPPERLRIPPNPTTQTVLEQVSRGFDDHFGEVEGFGWPTNPDEATAILDHF
IADMLPSFGDWQDAMSWRRPFLWHSLISPALNIGLLDPLDICRRAEAAWREGRAPLNAVEGFIRQIIGWREFVRGIYWLK
MPEYAQRNALDAQGKLPGFYWTGQTDMACVADTVRAAHDHAYAHHIQRLMVTGNLAMLLGVHPDAVDDWYMVVFADAYEW
VEMPNTRGMATFADGGIVGSKPYAASGAYIDRMSDYCKGCRYDVKKRLGDDACPFNALYWDFIDRHAQRLAGNGRMMMPL
RTLEKMPDAEREAFRKQARALRVKMGVSG
;
_entity_poly.pdbx_strand_id   A
#
loop_
_chem_comp.id
_chem_comp.type
_chem_comp.name
_chem_comp.formula
DLZ non-polymer 1-deoxy-1-(6,7-dimethyl-2,4-dioxo-3,4-dihydropteridin-8(2H)-yl)-D-ribitol 'C13 H18 N4 O6'
FAD non-polymer 'FLAVIN-ADENINE DINUCLEOTIDE' 'C27 H33 N9 O15 P2'
SF4 non-polymer 'IRON/SULFUR CLUSTER' 'Fe4 S4'
#
# COMPACT_ATOMS: atom_id res chain seq x y z
N MET A 1 40.01 9.27 -7.73
CA MET A 1 40.57 10.10 -6.67
C MET A 1 39.77 11.38 -6.49
N ALA A 2 38.68 11.49 -7.25
CA ALA A 2 37.74 12.60 -7.11
C ALA A 2 36.54 12.23 -6.26
N GLY A 3 36.32 10.95 -5.98
CA GLY A 3 35.22 10.51 -5.15
C GLY A 3 33.92 10.41 -5.92
N ALA A 4 32.91 9.91 -5.24
CA ALA A 4 31.64 9.55 -5.87
C ALA A 4 30.51 10.45 -5.37
N LEU A 5 29.49 10.59 -6.23
CA LEU A 5 28.22 11.21 -5.88
C LEU A 5 27.22 10.10 -5.56
N ARG A 6 26.64 10.14 -4.36
CA ARG A 6 25.74 9.09 -3.89
C ARG A 6 24.34 9.67 -3.75
N LEU A 7 23.45 9.28 -4.66
CA LEU A 7 22.08 9.75 -4.63
C LEU A 7 21.26 8.96 -3.63
N VAL A 8 20.41 9.67 -2.88
CA VAL A 8 19.49 9.09 -1.92
C VAL A 8 18.12 9.73 -2.13
N LEU A 9 17.12 8.90 -2.45
CA LEU A 9 15.75 9.35 -2.70
C LEU A 9 14.90 9.25 -1.43
N GLY A 10 13.68 9.79 -1.52
CA GLY A 10 12.88 10.05 -0.33
C GLY A 10 12.30 8.81 0.32
N ASP A 11 12.40 7.64 -0.32
CA ASP A 11 11.98 6.38 0.27
C ASP A 11 13.18 5.47 0.57
N GLN A 12 14.38 6.05 0.68
CA GLN A 12 15.64 5.35 0.83
C GLN A 12 16.40 5.85 2.07
N LEU A 13 15.67 6.12 3.13
CA LEU A 13 16.20 6.81 4.31
C LEU A 13 16.65 5.80 5.37
N SER A 14 17.62 4.98 4.97
CA SER A 14 18.17 3.92 5.82
C SER A 14 19.68 4.05 5.87
N ASP A 15 20.25 3.93 7.08
CA ASP A 15 21.70 3.94 7.24
C ASP A 15 22.38 2.80 6.48
N ASN A 16 21.66 1.69 6.26
CA ASN A 16 22.23 0.53 5.58
C ASN A 16 21.89 0.49 4.10
N LEU A 17 21.48 1.62 3.51
CA LEU A 17 21.20 1.65 2.08
C LEU A 17 22.43 1.25 1.28
N SER A 18 22.21 0.48 0.22
CA SER A 18 23.32 -0.11 -0.53
C SER A 18 24.20 0.95 -1.19
N ALA A 19 23.67 2.14 -1.45
CA ALA A 19 24.43 3.21 -2.08
C ALA A 19 25.34 3.94 -1.10
N LEU A 20 25.12 3.76 0.20
CA LEU A 20 25.84 4.42 1.27
C LEU A 20 26.91 3.54 1.88
N VAL A 21 26.62 2.24 1.98
CA VAL A 21 27.61 1.21 2.24
C VAL A 21 28.76 1.49 1.29
N ASP A 22 29.97 1.68 1.84
CA ASP A 22 31.29 1.69 1.17
C ASP A 22 31.69 3.13 0.84
N ALA A 23 31.11 4.09 1.55
CA ALA A 23 31.34 5.51 1.27
C ALA A 23 32.68 5.98 1.81
N ASP A 24 33.34 6.84 1.03
CA ASP A 24 34.56 7.55 1.42
C ASP A 24 34.17 8.96 1.85
N LEU A 25 34.15 9.21 3.17
CA LEU A 25 33.66 10.47 3.69
C LEU A 25 34.55 11.64 3.30
N SER A 26 35.85 11.40 3.12
CA SER A 26 36.77 12.49 2.80
C SER A 26 36.59 13.02 1.38
N ARG A 27 36.02 12.22 0.48
CA ARG A 27 35.96 12.55 -0.94
C ARG A 27 34.54 12.59 -1.49
N ASP A 28 33.63 11.77 -0.99
CA ASP A 28 32.32 11.61 -1.60
C ASP A 28 31.36 12.72 -1.19
N GLN A 29 30.23 12.78 -1.89
CA GLN A 29 29.13 13.66 -1.57
C GLN A 29 27.80 12.94 -1.79
N VAL A 30 26.86 13.18 -0.88
CA VAL A 30 25.51 12.62 -0.92
C VAL A 30 24.56 13.69 -1.46
N LEU A 31 23.66 13.29 -2.36
CA LEU A 31 22.72 14.21 -3.01
C LEU A 31 21.29 13.82 -2.66
N MET A 32 20.52 14.80 -2.21
CA MET A 32 19.17 14.63 -1.72
C MET A 32 18.38 15.81 -2.23
N VAL A 33 17.24 15.56 -2.86
CA VAL A 33 16.50 16.57 -3.60
C VAL A 33 15.03 16.50 -3.23
N GLU A 34 14.47 17.64 -2.82
CA GLU A 34 13.02 17.79 -2.72
C GLU A 34 12.50 18.15 -4.10
N SER A 35 11.85 17.19 -4.76
CA SER A 35 11.55 17.23 -6.19
C SER A 35 10.06 17.45 -6.40
N ARG A 36 9.72 18.54 -7.09
CA ARG A 36 8.33 18.84 -7.38
C ARG A 36 7.77 17.91 -8.45
N VAL A 37 8.63 17.37 -9.31
CA VAL A 37 8.20 16.35 -10.25
C VAL A 37 7.62 15.16 -9.48
N GLU A 38 8.40 14.61 -8.57
CA GLU A 38 7.97 13.43 -7.83
C GLU A 38 6.76 13.74 -6.96
N ALA A 39 6.71 14.95 -6.40
CA ALA A 39 5.64 15.29 -5.48
C ALA A 39 4.34 15.67 -6.16
N THR A 40 4.35 15.83 -7.49
CA THR A 40 3.14 16.17 -8.24
C THR A 40 2.80 15.17 -9.33
N ALA A 41 3.62 14.14 -9.58
CA ALA A 41 3.28 13.12 -10.56
C ALA A 41 1.87 12.60 -10.33
N TRP A 42 1.54 12.33 -9.07
CA TRP A 42 0.18 12.42 -8.57
C TRP A 42 0.18 13.53 -7.54
N LYS A 43 -0.95 14.22 -7.41
CA LYS A 43 -1.08 15.25 -6.38
C LYS A 43 -1.30 14.56 -5.03
N HIS A 44 -0.18 14.10 -4.45
CA HIS A 44 -0.22 13.27 -3.25
C HIS A 44 -0.82 14.00 -2.06
N HIS A 45 -1.45 13.20 -1.18
CA HIS A 45 -1.98 13.65 0.10
C HIS A 45 -1.00 14.56 0.81
N LYS A 46 -1.53 15.66 1.35
CA LYS A 46 -0.74 16.63 2.08
C LYS A 46 0.11 15.96 3.14
N GLN A 47 -0.43 14.92 3.79
CA GLN A 47 0.30 14.24 4.84
C GLN A 47 1.45 13.41 4.28
N LYS A 48 1.35 12.94 3.03
CA LYS A 48 2.51 12.24 2.47
C LYS A 48 3.68 13.19 2.24
N LEU A 49 3.41 14.41 1.77
CA LEU A 49 4.48 15.38 1.53
C LEU A 49 5.23 15.73 2.80
N VAL A 50 4.47 15.95 3.89
CA VAL A 50 5.05 16.29 5.19
C VAL A 50 5.92 15.15 5.70
N LEU A 51 5.37 13.94 5.67
CA LEU A 51 6.11 12.77 6.14
C LEU A 51 7.45 12.68 5.45
N VAL A 52 7.45 12.71 4.12
CA VAL A 52 8.65 12.39 3.37
C VAL A 52 9.69 13.49 3.52
N TRP A 53 9.27 14.76 3.44
CA TRP A 53 10.23 15.86 3.49
C TRP A 53 10.73 16.11 4.91
N SER A 54 9.87 15.98 5.91
CA SER A 54 10.36 15.97 7.29
C SER A 54 11.39 14.87 7.47
N ALA A 55 11.08 13.65 7.00
CA ALA A 55 12.00 12.54 7.22
C ALA A 55 13.33 12.76 6.52
N MET A 56 13.28 13.34 5.31
CA MET A 56 14.43 13.60 4.46
C MET A 56 15.40 14.57 5.11
N ARG A 57 14.87 15.72 5.57
CA ARG A 57 15.68 16.73 6.23
C ARG A 57 16.31 16.21 7.50
N GLN A 58 15.57 15.42 8.28
CA GLN A 58 16.14 14.83 9.48
C GLN A 58 17.17 13.76 9.13
N PHE A 59 16.89 12.95 8.10
CA PHE A 59 17.87 11.97 7.64
C PHE A 59 19.14 12.65 7.16
N ALA A 60 19.00 13.78 6.49
CA ALA A 60 20.16 14.54 6.02
C ALA A 60 21.04 14.97 7.20
N GLU A 61 20.41 15.42 8.30
CA GLU A 61 21.18 15.90 9.44
C GLU A 61 21.94 14.75 10.11
N ARG A 62 21.31 13.58 10.23
N ARG A 62 21.32 13.58 10.23
CA ARG A 62 22.01 12.44 10.81
CA ARG A 62 22.01 12.44 10.80
C ARG A 62 23.24 12.08 9.98
C ARG A 62 23.25 12.09 9.97
N LEU A 63 23.12 12.14 8.65
CA LEU A 63 24.26 11.94 7.78
C LEU A 63 25.37 12.94 8.06
N ARG A 64 25.02 14.24 8.13
CA ARG A 64 26.03 15.26 8.41
C ARG A 64 26.74 14.99 9.73
N ALA A 65 26.01 14.52 10.74
CA ALA A 65 26.60 14.26 12.04
C ALA A 65 27.60 13.11 12.01
N ARG A 66 27.53 12.24 10.99
CA ARG A 66 28.47 11.13 10.82
C ARG A 66 29.70 11.52 10.00
N GLY A 67 29.76 12.76 9.52
CA GLY A 67 30.86 13.22 8.70
C GLY A 67 30.59 13.27 7.21
N PHE A 68 29.40 12.83 6.78
CA PHE A 68 29.03 12.88 5.36
C PHE A 68 28.92 14.33 4.89
N ASN A 69 29.35 14.55 3.65
CA ASN A 69 29.11 15.81 2.95
C ASN A 69 27.82 15.67 2.16
N VAL A 70 26.85 16.52 2.47
CA VAL A 70 25.50 16.38 1.93
C VAL A 70 25.12 17.65 1.17
N ARG A 71 24.86 17.49 -0.13
CA ARG A 71 24.22 18.54 -0.93
C ARG A 71 22.71 18.30 -0.87
N TYR A 72 22.01 19.16 -0.12
CA TYR A 72 20.56 19.03 0.08
C TYR A 72 19.88 20.19 -0.63
N VAL A 73 19.02 19.88 -1.59
CA VAL A 73 18.29 20.89 -2.36
C VAL A 73 16.84 20.95 -1.89
N THR A 74 16.43 22.08 -1.30
CA THR A 74 15.07 22.25 -0.81
C THR A 74 14.12 22.72 -1.92
N LEU A 75 12.82 22.56 -1.65
CA LEU A 75 11.82 22.99 -2.62
C LEU A 75 11.70 24.51 -2.70
N GLU A 76 12.39 25.24 -1.82
CA GLU A 76 12.40 26.69 -1.88
C GLU A 76 13.63 27.24 -2.59
N ASP A 77 14.63 26.40 -2.85
CA ASP A 77 15.81 26.79 -3.61
C ASP A 77 15.39 27.23 -5.01
N PRO A 78 15.67 28.47 -5.40
CA PRO A 78 15.20 28.98 -6.70
C PRO A 78 16.01 28.53 -7.89
N ASP A 79 17.15 27.86 -7.69
CA ASP A 79 17.86 27.23 -8.80
C ASP A 79 17.53 25.75 -8.94
N ASN A 80 16.75 25.18 -8.02
CA ASN A 80 16.30 23.81 -8.13
C ASN A 80 15.56 23.58 -9.46
N THR A 81 16.06 22.62 -10.25
CA THR A 81 15.48 22.32 -11.56
C THR A 81 14.12 21.63 -11.46
N GLY A 82 13.82 21.01 -10.30
CA GLY A 82 12.58 20.31 -10.05
C GLY A 82 12.67 18.81 -10.18
N SER A 83 13.68 18.28 -10.88
CA SER A 83 13.75 16.87 -11.23
C SER A 83 15.03 16.24 -10.69
N ILE A 84 15.01 14.91 -10.58
CA ILE A 84 16.15 14.16 -10.09
C ILE A 84 17.29 14.21 -11.10
N GLY A 85 16.98 13.97 -12.37
CA GLY A 85 18.01 14.04 -13.40
C GLY A 85 18.58 15.44 -13.57
N GLY A 86 17.72 16.46 -13.50
CA GLY A 86 18.21 17.81 -13.62
C GLY A 86 19.20 18.17 -12.52
N GLU A 87 18.90 17.75 -11.29
CA GLU A 87 19.77 18.06 -10.15
C GLU A 87 21.00 17.18 -10.11
N LEU A 88 20.93 15.97 -10.66
CA LEU A 88 22.13 15.18 -10.89
C LEU A 88 23.13 15.95 -11.75
N ARG A 89 22.67 16.50 -12.87
CA ARG A 89 23.53 17.26 -13.77
C ARG A 89 24.13 18.48 -13.09
N ARG A 90 23.28 19.28 -12.44
CA ARG A 90 23.75 20.50 -11.79
C ARG A 90 24.75 20.20 -10.69
N ALA A 91 24.62 19.05 -10.02
CA ALA A 91 25.60 18.64 -9.03
C ALA A 91 26.92 18.24 -9.68
N LEU A 92 26.85 17.49 -10.79
CA LEU A 92 28.09 17.13 -11.47
C LEU A 92 28.78 18.36 -12.06
N GLU A 93 28.01 19.40 -12.40
CA GLU A 93 28.62 20.63 -12.89
C GLU A 93 29.40 21.36 -11.80
N ALA A 94 29.01 21.20 -10.52
CA ALA A 94 29.53 22.03 -9.45
C ALA A 94 30.91 21.59 -8.93
N ARG A 95 31.28 20.33 -9.12
CA ARG A 95 32.62 19.87 -8.76
C ARG A 95 32.86 18.57 -9.52
N ALA A 96 34.10 18.05 -9.40
CA ALA A 96 34.50 16.85 -10.13
C ALA A 96 34.10 15.60 -9.37
N PHE A 97 33.71 14.56 -10.12
CA PHE A 97 33.31 13.27 -9.58
C PHE A 97 33.85 12.16 -10.46
N ASP A 98 34.13 11.01 -9.85
CA ASP A 98 34.53 9.83 -10.61
C ASP A 98 33.35 9.06 -11.17
N ARG A 99 32.17 9.19 -10.57
CA ARG A 99 31.02 8.35 -10.89
C ARG A 99 29.85 8.70 -9.97
N VAL A 100 28.66 8.22 -10.36
CA VAL A 100 27.44 8.34 -9.58
C VAL A 100 27.03 6.95 -9.12
N ILE A 101 26.71 6.82 -7.83
CA ILE A 101 26.28 5.54 -7.25
C ILE A 101 24.87 5.73 -6.69
N ARG A 102 23.97 4.80 -7.01
CA ARG A 102 22.61 4.90 -6.51
C ARG A 102 22.03 3.51 -6.25
N THR A 103 20.90 3.51 -5.55
CA THR A 103 20.14 2.31 -5.24
C THR A 103 18.86 2.30 -6.08
N ALA A 104 18.61 1.19 -6.77
CA ALA A 104 17.41 1.05 -7.60
C ALA A 104 16.17 1.47 -6.82
N CYS A 105 15.30 2.24 -7.47
CA CYS A 105 14.16 2.86 -6.81
C CYS A 105 12.90 2.01 -6.99
N GLY A 106 11.77 2.54 -6.52
CA GLY A 106 10.56 1.75 -6.47
C GLY A 106 9.48 2.17 -7.45
N LYS A 107 9.89 2.73 -8.59
CA LYS A 107 8.97 3.14 -9.65
C LYS A 107 9.63 2.80 -10.98
N TRP A 108 9.02 1.86 -11.72
CA TRP A 108 9.61 1.38 -12.96
C TRP A 108 9.95 2.52 -13.92
N GLY A 109 9.04 3.50 -14.05
CA GLY A 109 9.24 4.59 -15.01
C GLY A 109 10.41 5.47 -14.66
N LEU A 110 10.60 5.76 -13.36
CA LEU A 110 11.73 6.58 -12.96
C LEU A 110 13.02 5.77 -13.01
N GLU A 111 12.94 4.50 -12.60
CA GLU A 111 14.09 3.62 -12.74
C GLU A 111 14.53 3.53 -14.20
N SER A 112 13.56 3.44 -15.12
CA SER A 112 13.87 3.34 -16.55
C SER A 112 14.50 4.62 -17.08
N HIS A 113 14.06 5.77 -16.55
CA HIS A 113 14.60 7.06 -16.96
C HIS A 113 16.05 7.21 -16.54
N LEU A 114 16.35 6.94 -15.26
CA LEU A 114 17.70 7.13 -14.74
C LEU A 114 18.69 6.19 -15.39
N LEU A 115 18.26 4.98 -15.76
CA LEU A 115 19.14 4.06 -16.46
C LEU A 115 19.50 4.58 -17.85
N SER A 116 18.69 5.45 -18.43
CA SER A 116 18.91 5.96 -19.78
C SER A 116 19.63 7.28 -19.82
N LEU A 117 19.89 7.89 -18.67
CA LEU A 117 20.46 9.24 -18.61
C LEU A 117 21.84 9.29 -19.24
N ASP A 118 22.02 10.25 -20.16
CA ASP A 118 23.34 10.58 -20.72
C ASP A 118 24.05 11.46 -19.70
N LEU A 119 25.02 10.87 -18.98
CA LEU A 119 25.78 11.61 -18.00
C LEU A 119 27.27 11.58 -18.34
N PRO A 120 28.02 12.63 -18.00
CA PRO A 120 29.44 12.69 -18.38
C PRO A 120 30.35 11.81 -17.53
N VAL A 121 29.81 11.11 -16.54
CA VAL A 121 30.56 10.14 -15.74
C VAL A 121 29.72 8.87 -15.63
N PRO A 122 30.34 7.72 -15.40
CA PRO A 122 29.57 6.48 -15.30
C PRO A 122 28.64 6.49 -14.09
N MET A 123 27.63 5.63 -14.15
CA MET A 123 26.64 5.52 -13.09
C MET A 123 26.42 4.07 -12.72
N GLU A 124 26.64 3.75 -11.45
CA GLU A 124 26.51 2.40 -10.90
C GLU A 124 25.18 2.29 -10.14
N THR A 125 24.41 1.24 -10.44
CA THR A 125 23.10 1.03 -9.84
C THR A 125 23.09 -0.26 -9.04
N ARG A 126 22.76 -0.17 -7.75
CA ARG A 126 22.81 -1.31 -6.86
C ARG A 126 21.41 -1.75 -6.43
N GLU A 127 21.23 -3.06 -6.28
CA GLU A 127 19.96 -3.60 -5.83
C GLU A 127 19.61 -3.05 -4.45
N ASP A 128 18.32 -2.88 -4.19
CA ASP A 128 17.87 -2.42 -2.88
C ASP A 128 17.72 -3.64 -1.99
N ASP A 129 18.71 -3.90 -1.15
CA ASP A 129 18.75 -5.16 -0.40
C ASP A 129 18.11 -5.06 0.98
N ARG A 130 17.39 -3.96 1.25
CA ARG A 130 16.57 -3.89 2.45
C ARG A 130 15.40 -4.87 2.36
N PHE A 131 14.94 -5.17 1.16
CA PHE A 131 13.92 -6.18 0.95
C PHE A 131 14.53 -7.58 1.14
N LEU A 132 13.68 -8.55 1.46
CA LEU A 132 14.18 -9.86 1.83
C LEU A 132 14.41 -10.78 0.64
N CYS A 133 13.66 -10.59 -0.44
CA CYS A 133 13.79 -11.34 -1.68
C CYS A 133 14.18 -10.38 -2.80
N SER A 134 15.26 -10.70 -3.53
CA SER A 134 15.70 -9.82 -4.60
C SER A 134 14.87 -10.05 -5.86
N ARG A 135 14.99 -9.13 -6.81
CA ARG A 135 14.23 -9.25 -8.05
C ARG A 135 14.63 -10.51 -8.80
N ALA A 136 15.93 -10.82 -8.81
CA ALA A 136 16.44 -12.02 -9.47
C ALA A 136 15.97 -13.29 -8.77
N GLN A 137 15.89 -13.28 -7.43
CA GLN A 137 15.44 -14.45 -6.70
C GLN A 137 13.97 -14.74 -6.96
N PHE A 138 13.17 -13.69 -7.11
CA PHE A 138 11.76 -13.88 -7.40
C PHE A 138 11.55 -14.44 -8.80
N ALA A 139 12.29 -13.91 -9.78
CA ALA A 139 12.18 -14.41 -11.14
C ALA A 139 12.52 -15.89 -11.20
N ALA A 140 13.54 -16.30 -10.45
CA ALA A 140 13.93 -17.70 -10.39
C ALA A 140 12.83 -18.56 -9.79
N TRP A 141 12.23 -18.11 -8.68
CA TRP A 141 11.16 -18.86 -8.04
C TRP A 141 9.96 -19.01 -8.98
N ALA A 142 9.68 -18.00 -9.78
CA ALA A 142 8.47 -17.98 -10.59
C ALA A 142 8.62 -18.74 -11.89
N GLU A 143 9.86 -18.97 -12.35
CA GLU A 143 10.10 -19.59 -13.64
C GLU A 143 9.35 -20.90 -13.76
N GLY A 144 8.51 -21.00 -14.78
CA GLY A 144 7.84 -22.25 -15.10
C GLY A 144 6.58 -22.52 -14.32
N ARG A 145 6.15 -21.62 -13.44
CA ARG A 145 4.90 -21.77 -12.72
C ARG A 145 3.74 -21.20 -13.55
N ARG A 146 2.69 -22.01 -13.71
CA ARG A 146 1.56 -21.61 -14.51
C ARG A 146 0.79 -20.48 -13.83
N GLU A 147 0.65 -20.56 -12.52
CA GLU A 147 0.09 -19.46 -11.75
C GLU A 147 0.94 -19.25 -10.50
N LEU A 148 0.94 -18.02 -10.02
CA LEU A 148 1.82 -17.58 -8.94
C LEU A 148 1.00 -17.45 -7.67
N ARG A 149 1.25 -18.33 -6.71
CA ARG A 149 0.44 -18.44 -5.51
C ARG A 149 1.26 -18.00 -4.30
N MET A 150 0.69 -17.06 -3.55
CA MET A 150 1.40 -16.48 -2.41
CA MET A 150 1.41 -16.49 -2.43
C MET A 150 1.76 -17.54 -1.38
N GLU A 151 0.83 -18.43 -1.06
CA GLU A 151 1.06 -19.43 -0.01
C GLU A 151 2.34 -20.23 -0.25
N PHE A 152 2.63 -20.58 -1.51
CA PHE A 152 3.83 -21.36 -1.77
C PHE A 152 5.09 -20.49 -1.69
N PHE A 153 5.01 -19.24 -2.16
CA PHE A 153 6.14 -18.33 -2.01
C PHE A 153 6.41 -18.02 -0.55
N TYR A 154 5.38 -18.05 0.29
CA TYR A 154 5.57 -17.72 1.71
C TYR A 154 6.35 -18.81 2.42
N ARG A 155 6.06 -20.08 2.12
CA ARG A 155 6.85 -21.17 2.70
C ARG A 155 8.33 -21.03 2.35
N GLU A 156 8.64 -20.67 1.10
CA GLU A 156 10.02 -20.40 0.68
C GLU A 156 10.67 -19.32 1.53
N MET A 157 9.95 -18.22 1.80
CA MET A 157 10.53 -17.13 2.57
C MET A 157 10.71 -17.53 4.04
N ARG A 158 9.85 -18.39 4.57
CA ARG A 158 10.03 -18.83 5.95
C ARG A 158 11.32 -19.62 6.10
N ARG A 159 11.61 -20.51 5.13
CA ARG A 159 12.82 -21.32 5.17
C ARG A 159 14.06 -20.48 4.90
N LYS A 160 13.96 -19.52 3.99
CA LYS A 160 15.12 -18.71 3.64
C LYS A 160 15.50 -17.78 4.79
N THR A 161 14.50 -17.22 5.49
CA THR A 161 14.72 -16.32 6.61
C THR A 161 14.83 -17.02 7.96
N GLY A 162 14.33 -18.27 8.07
CA GLY A 162 14.35 -18.96 9.34
C GLY A 162 13.36 -18.47 10.35
N LEU A 163 12.38 -17.68 9.93
CA LEU A 163 11.39 -17.14 10.84
C LEU A 163 10.37 -18.19 11.23
N LEU A 164 10.08 -18.25 12.54
CA LEU A 164 9.15 -19.24 13.10
C LEU A 164 9.51 -20.65 12.63
N MET A 165 10.78 -20.98 12.70
CA MET A 165 11.29 -22.25 12.19
C MET A 165 11.97 -22.92 13.38
N ASP A 166 11.55 -24.15 13.71
CA ASP A 166 12.24 -24.96 14.73
C ASP A 166 12.96 -26.08 13.99
N GLY A 167 14.24 -25.83 13.71
CA GLY A 167 14.93 -26.68 12.75
C GLY A 167 14.37 -26.47 11.36
N ASP A 168 14.20 -27.55 10.62
CA ASP A 168 13.55 -27.50 9.32
C ASP A 168 12.02 -27.64 9.37
N GLN A 169 11.39 -27.50 10.56
CA GLN A 169 9.93 -27.54 10.72
C GLN A 169 9.34 -26.18 11.04
N PRO A 170 8.17 -25.88 10.49
CA PRO A 170 7.44 -24.70 10.94
C PRO A 170 6.97 -24.87 12.37
N ALA A 171 7.06 -23.79 13.13
CA ALA A 171 6.63 -23.81 14.52
C ALA A 171 5.15 -24.17 14.62
N GLY A 172 4.83 -25.06 15.55
CA GLY A 172 3.48 -25.50 15.77
C GLY A 172 2.95 -26.49 14.75
N GLY A 173 3.81 -27.05 13.91
CA GLY A 173 3.43 -28.10 13.01
C GLY A 173 2.71 -27.69 11.75
N ARG A 174 2.34 -26.42 11.62
CA ARG A 174 1.62 -25.92 10.46
C ARG A 174 2.26 -24.62 9.99
N TRP A 175 2.22 -24.40 8.67
CA TRP A 175 2.78 -23.18 8.09
C TRP A 175 1.93 -21.97 8.43
N ASN A 176 0.61 -22.13 8.35
CA ASN A 176 -0.35 -21.04 8.32
C ASN A 176 -1.47 -21.34 9.29
N PHE A 177 -1.86 -20.35 10.07
CA PHE A 177 -2.91 -20.51 11.08
C PHE A 177 -4.13 -19.66 10.80
N ASP A 178 -4.25 -19.14 9.58
CA ASP A 178 -5.40 -18.33 9.20
C ASP A 178 -6.66 -19.21 9.18
N ALA A 179 -7.68 -18.82 9.93
CA ALA A 179 -8.94 -19.53 9.94
C ALA A 179 -10.02 -18.63 9.36
N GLU A 180 -10.79 -19.14 8.42
CA GLU A 180 -11.86 -18.37 7.79
C GLU A 180 -13.04 -18.17 8.73
N ASN A 181 -12.78 -18.17 10.04
CA ASN A 181 -13.83 -18.10 11.06
C ASN A 181 -13.76 -16.81 11.86
N ARG A 182 -13.72 -15.66 11.17
CA ARG A 182 -13.44 -14.40 11.82
C ARG A 182 -14.66 -13.50 11.71
N ARG A 183 -14.82 -12.59 12.68
CA ARG A 183 -16.11 -11.96 12.87
C ARG A 183 -15.95 -10.50 13.26
N LYS A 184 -17.08 -9.81 13.30
CA LYS A 184 -17.16 -8.43 13.71
C LYS A 184 -16.88 -8.31 15.21
N LEU A 185 -16.77 -7.08 15.67
CA LEU A 185 -16.47 -6.79 17.05
C LEU A 185 -17.70 -7.06 17.91
N PRO A 186 -17.50 -7.57 19.14
CA PRO A 186 -18.60 -7.56 20.10
C PRO A 186 -19.09 -6.14 20.33
N PRO A 187 -20.38 -5.97 20.61
CA PRO A 187 -20.91 -4.61 20.77
C PRO A 187 -20.28 -3.82 21.90
N GLY A 188 -19.87 -4.47 22.99
CA GLY A 188 -19.30 -3.77 24.12
C GLY A 188 -17.81 -3.55 24.08
N LEU A 189 -17.11 -4.10 23.10
CA LEU A 189 -15.66 -4.02 23.05
C LEU A 189 -15.25 -2.73 22.34
N ARG A 190 -14.73 -1.78 23.11
CA ARG A 190 -14.21 -0.57 22.50
C ARG A 190 -12.74 -0.77 22.13
N PRO A 191 -12.32 -0.36 20.93
CA PRO A 191 -10.93 -0.58 20.53
C PRO A 191 -10.00 0.36 21.26
N PRO A 192 -8.75 -0.04 21.48
CA PRO A 192 -7.84 0.76 22.30
C PRO A 192 -7.44 2.06 21.61
N GLU A 193 -6.94 3.00 22.42
CA GLU A 193 -6.41 4.24 21.88
C GLU A 193 -4.96 4.03 21.43
N ARG A 194 -4.66 4.52 20.23
CA ARG A 194 -3.37 4.28 19.58
C ARG A 194 -2.42 5.44 19.82
N LEU A 195 -1.13 5.12 19.94
CA LEU A 195 -0.09 6.13 20.04
C LEU A 195 0.04 6.87 18.71
N ARG A 196 -0.09 8.20 18.76
CA ARG A 196 0.19 9.08 17.65
C ARG A 196 1.39 9.95 18.03
N ILE A 197 2.15 10.37 17.02
CA ILE A 197 3.42 11.07 17.24
C ILE A 197 3.20 12.57 17.05
N PRO A 198 3.29 13.39 18.10
CA PRO A 198 3.20 14.83 17.91
C PRO A 198 4.37 15.33 17.08
N PRO A 199 4.16 16.35 16.24
CA PRO A 199 5.23 16.80 15.34
C PRO A 199 6.41 17.44 16.08
N ASN A 200 7.62 16.95 15.77
CA ASN A 200 8.82 17.61 16.27
C ASN A 200 8.98 18.96 15.55
N PRO A 201 9.95 19.81 15.98
CA PRO A 201 10.21 21.07 15.28
C PRO A 201 10.31 20.97 13.76
N THR A 202 11.19 20.11 13.25
CA THR A 202 11.36 20.00 11.81
C THR A 202 10.04 19.65 11.12
N THR A 203 9.27 18.73 11.70
CA THR A 203 8.00 18.33 11.10
C THR A 203 7.00 19.49 11.09
N GLN A 204 6.95 20.29 12.17
CA GLN A 204 6.06 21.45 12.19
C GLN A 204 6.42 22.43 11.08
N THR A 205 7.71 22.67 10.89
CA THR A 205 8.14 23.61 9.87
C THR A 205 7.68 23.19 8.49
N VAL A 206 7.79 21.89 8.19
CA VAL A 206 7.42 21.38 6.88
C VAL A 206 5.91 21.38 6.70
N LEU A 207 5.17 21.19 7.79
CA LEU A 207 3.71 21.23 7.73
C LEU A 207 3.20 22.61 7.31
N GLU A 208 3.84 23.67 7.80
CA GLU A 208 3.42 25.02 7.43
C GLU A 208 3.73 25.31 5.97
N GLN A 209 4.93 24.94 5.51
CA GLN A 209 5.27 25.09 4.10
C GLN A 209 4.27 24.33 3.23
N VAL A 210 3.83 23.15 3.67
CA VAL A 210 2.96 22.36 2.80
C VAL A 210 1.54 22.94 2.80
N SER A 211 1.08 23.42 3.95
CA SER A 211 -0.27 23.98 4.03
C SER A 211 -0.43 25.23 3.18
N ARG A 212 0.63 26.02 3.03
CA ARG A 212 0.58 27.23 2.21
C ARG A 212 0.86 26.95 0.74
N GLY A 213 1.81 26.08 0.43
CA GLY A 213 2.29 25.93 -0.93
C GLY A 213 1.65 24.83 -1.75
N PHE A 214 0.92 23.94 -1.09
CA PHE A 214 0.30 22.78 -1.71
C PHE A 214 -1.15 22.65 -1.31
N ASP A 215 -1.88 23.77 -1.31
CA ASP A 215 -3.23 23.77 -0.76
C ASP A 215 -4.23 23.04 -1.66
N ASP A 216 -3.94 22.95 -2.96
CA ASP A 216 -4.78 22.25 -3.94
C ASP A 216 -4.68 20.74 -3.82
N HIS A 217 -3.87 20.23 -2.91
CA HIS A 217 -3.63 18.79 -2.78
C HIS A 217 -4.65 18.19 -1.81
N PHE A 218 -4.91 16.89 -1.98
CA PHE A 218 -5.96 16.19 -1.26
C PHE A 218 -5.62 16.08 0.23
N GLY A 219 -6.64 16.13 1.07
CA GLY A 219 -6.54 15.70 2.44
C GLY A 219 -6.28 16.83 3.41
N GLU A 220 -6.45 16.51 4.68
CA GLU A 220 -6.23 17.45 5.77
C GLU A 220 -4.86 17.18 6.40
N VAL A 221 -4.17 18.26 6.76
CA VAL A 221 -2.87 18.11 7.41
C VAL A 221 -2.99 18.15 8.92
N GLU A 222 -4.05 18.75 9.45
CA GLU A 222 -4.26 18.82 10.89
C GLU A 222 -4.35 17.42 11.47
N GLY A 223 -3.74 17.23 12.63
CA GLY A 223 -3.73 15.96 13.30
C GLY A 223 -2.57 15.06 12.95
N PHE A 224 -1.65 15.52 12.10
CA PHE A 224 -0.51 14.72 11.67
C PHE A 224 0.17 14.05 12.84
N GLY A 225 0.29 12.71 12.75
CA GLY A 225 0.68 11.87 13.87
C GLY A 225 1.61 10.74 13.48
N TRP A 226 2.14 10.80 12.26
CA TRP A 226 3.04 9.80 11.70
C TRP A 226 4.46 10.00 12.21
N PRO A 227 5.23 8.92 12.35
CA PRO A 227 6.64 9.03 12.75
C PRO A 227 7.52 9.49 11.58
N THR A 228 8.48 10.35 11.89
CA THR A 228 9.33 10.96 10.89
C THR A 228 10.80 10.61 11.05
N ASN A 229 11.15 9.77 12.02
CA ASN A 229 12.56 9.40 12.24
C ASN A 229 12.58 8.07 12.98
N PRO A 230 13.74 7.41 13.08
CA PRO A 230 13.76 6.04 13.62
C PRO A 230 13.36 5.94 15.08
N ASP A 231 13.59 6.98 15.87
CA ASP A 231 13.16 6.95 17.27
C ASP A 231 11.64 6.96 17.35
N GLU A 232 11.00 7.88 16.63
CA GLU A 232 9.55 7.93 16.57
C GLU A 232 8.97 6.65 15.99
N ALA A 233 9.61 6.09 14.96
CA ALA A 233 9.12 4.87 14.34
C ALA A 233 9.21 3.69 15.29
N THR A 234 10.31 3.62 16.03
CA THR A 234 10.53 2.54 16.97
C THR A 234 9.53 2.59 18.13
N ALA A 235 9.05 3.78 18.47
CA ALA A 235 8.05 3.89 19.54
C ALA A 235 6.71 3.34 19.07
N ILE A 236 6.36 3.60 17.81
CA ILE A 236 5.17 3.03 17.19
C ILE A 236 5.25 1.51 17.20
N LEU A 237 6.37 0.97 16.72
CA LEU A 237 6.56 -0.48 16.71
C LEU A 237 6.45 -1.05 18.11
N ASP A 238 7.16 -0.45 19.08
CA ASP A 238 7.11 -0.91 20.47
C ASP A 238 5.68 -1.01 20.97
N HIS A 239 4.87 0.00 20.67
CA HIS A 239 3.49 0.05 21.12
C HIS A 239 2.67 -1.05 20.46
N PHE A 240 2.91 -1.30 19.18
CA PHE A 240 2.17 -2.37 18.52
C PHE A 240 2.52 -3.73 19.13
N ILE A 241 3.81 -4.00 19.36
CA ILE A 241 4.22 -5.33 19.79
C ILE A 241 3.75 -5.63 21.21
N ALA A 242 3.81 -4.62 22.09
CA ALA A 242 3.47 -4.80 23.50
C ALA A 242 1.97 -4.81 23.74
N ASP A 243 1.22 -3.97 23.02
CA ASP A 243 -0.18 -3.73 23.35
C ASP A 243 -1.17 -4.26 22.33
N MET A 244 -0.76 -4.45 21.07
CA MET A 244 -1.71 -4.73 20.02
C MET A 244 -1.55 -6.12 19.43
N LEU A 245 -0.30 -6.54 19.24
CA LEU A 245 0.02 -7.81 18.61
C LEU A 245 -0.72 -9.02 19.20
N PRO A 246 -0.92 -9.16 20.52
CA PRO A 246 -1.64 -10.34 21.03
C PRO A 246 -3.07 -10.46 20.52
N SER A 247 -3.70 -9.36 20.13
CA SER A 247 -5.06 -9.39 19.59
C SER A 247 -5.10 -9.23 18.08
N PHE A 248 -3.94 -9.09 17.45
CA PHE A 248 -3.87 -9.08 15.99
C PHE A 248 -4.32 -10.43 15.44
N GLY A 249 -5.09 -10.40 14.37
CA GLY A 249 -5.57 -11.62 13.75
C GLY A 249 -6.93 -12.08 14.24
N ASP A 250 -7.20 -11.85 15.54
CA ASP A 250 -8.57 -11.92 16.03
C ASP A 250 -9.46 -10.94 15.28
N TRP A 251 -8.93 -9.76 14.97
CA TRP A 251 -9.74 -8.68 14.43
C TRP A 251 -9.17 -8.10 13.13
N GLN A 252 -8.31 -8.85 12.41
CA GLN A 252 -7.66 -8.31 11.21
C GLN A 252 -8.66 -7.94 10.11
N ASP A 253 -9.84 -8.54 10.10
CA ASP A 253 -10.83 -8.33 9.06
C ASP A 253 -12.05 -7.56 9.53
N ALA A 254 -12.14 -7.20 10.80
CA ALA A 254 -13.30 -6.46 11.28
C ALA A 254 -13.19 -5.00 10.88
N MET A 255 -14.32 -4.32 10.89
CA MET A 255 -14.45 -2.91 10.53
C MET A 255 -15.37 -2.28 11.56
N SER A 256 -15.08 -1.07 11.99
CA SER A 256 -15.95 -0.42 12.96
C SER A 256 -16.01 1.07 12.68
N TRP A 257 -17.22 1.61 12.75
CA TRP A 257 -17.51 2.97 12.33
C TRP A 257 -16.72 3.98 13.15
N ARG A 258 -15.93 4.80 12.46
CA ARG A 258 -15.15 5.91 13.02
C ARG A 258 -14.04 5.45 13.97
N ARG A 259 -13.65 4.17 13.92
CA ARG A 259 -12.45 3.68 14.59
C ARG A 259 -11.51 3.16 13.52
N PRO A 260 -10.68 4.03 12.94
CA PRO A 260 -9.97 3.69 11.69
C PRO A 260 -8.71 2.86 11.83
N PHE A 261 -8.18 2.66 13.03
CA PHE A 261 -6.90 1.97 13.23
C PHE A 261 -7.06 0.58 13.85
N LEU A 262 -7.99 0.42 14.80
CA LEU A 262 -8.23 -0.85 15.49
C LEU A 262 -6.93 -1.43 16.05
N TRP A 263 -6.55 -2.63 15.62
CA TRP A 263 -5.39 -3.32 16.19
C TRP A 263 -4.26 -3.47 15.16
N HIS A 264 -4.32 -2.72 14.06
CA HIS A 264 -3.27 -2.75 13.05
C HIS A 264 -2.03 -2.00 13.53
N SER A 265 -0.91 -2.25 12.83
CA SER A 265 0.38 -1.79 13.31
C SER A 265 0.68 -0.35 12.90
N LEU A 266 0.09 0.11 11.80
CA LEU A 266 0.23 1.49 11.37
C LEU A 266 1.70 1.81 11.01
N ILE A 267 2.45 0.81 10.57
CA ILE A 267 3.87 0.98 10.27
C ILE A 267 4.15 1.24 8.79
N SER A 268 3.20 0.97 7.90
CA SER A 268 3.49 1.00 6.47
C SER A 268 4.10 2.30 5.99
N PRO A 269 3.64 3.49 6.38
CA PRO A 269 4.29 4.71 5.86
C PRO A 269 5.74 4.82 6.28
N ALA A 270 6.11 4.24 7.44
CA ALA A 270 7.48 4.28 7.91
C ALA A 270 8.33 3.21 7.26
N LEU A 271 7.81 1.99 7.18
CA LEU A 271 8.51 0.88 6.53
C LEU A 271 8.79 1.20 5.07
N ASN A 272 7.88 1.89 4.40
CA ASN A 272 8.06 2.11 2.96
C ASN A 272 9.09 3.19 2.64
N ILE A 273 9.55 3.96 3.63
CA ILE A 273 10.58 4.96 3.38
C ILE A 273 11.88 4.64 4.10
N GLY A 274 11.95 3.52 4.84
CA GLY A 274 13.19 2.99 5.34
C GLY A 274 13.44 3.22 6.82
N LEU A 275 12.46 3.74 7.56
CA LEU A 275 12.67 4.06 8.97
C LEU A 275 12.65 2.82 9.85
N LEU A 276 12.08 1.73 9.35
CA LEU A 276 12.12 0.42 9.99
C LEU A 276 12.62 -0.61 8.97
N ASP A 277 13.11 -1.74 9.48
CA ASP A 277 13.64 -2.81 8.65
C ASP A 277 12.73 -4.03 8.72
N PRO A 278 12.32 -4.59 7.57
CA PRO A 278 11.38 -5.73 7.58
C PRO A 278 11.83 -6.91 8.44
N LEU A 279 13.12 -7.25 8.38
CA LEU A 279 13.61 -8.40 9.13
C LEU A 279 13.57 -8.12 10.63
N ASP A 280 14.05 -6.96 11.04
CA ASP A 280 14.03 -6.58 12.46
C ASP A 280 12.61 -6.61 13.03
N ILE A 281 11.64 -6.08 12.27
CA ILE A 281 10.25 -6.10 12.70
C ILE A 281 9.77 -7.52 12.97
N CYS A 282 10.06 -8.43 12.03
CA CYS A 282 9.59 -9.80 12.16
C CYS A 282 10.30 -10.52 13.30
N ARG A 283 11.59 -10.23 13.52
CA ARG A 283 12.32 -10.88 14.60
C ARG A 283 11.81 -10.43 15.96
N ARG A 284 11.37 -9.19 16.08
N ARG A 284 11.41 -9.17 16.08
CA ARG A 284 10.81 -8.76 17.36
CA ARG A 284 10.78 -8.69 17.31
C ARG A 284 9.41 -9.33 17.59
C ARG A 284 9.47 -9.40 17.56
N ALA A 285 8.67 -9.60 16.51
CA ALA A 285 7.39 -10.27 16.65
C ALA A 285 7.57 -11.72 17.00
N GLU A 286 8.60 -12.37 16.43
CA GLU A 286 8.85 -13.77 16.78
C GLU A 286 9.23 -13.90 18.25
N ALA A 287 10.13 -13.03 18.71
CA ALA A 287 10.63 -13.14 20.09
C ALA A 287 9.49 -12.97 21.08
N ALA A 288 8.46 -12.22 20.70
CA ALA A 288 7.29 -12.03 21.56
C ALA A 288 6.53 -13.33 21.72
N TRP A 289 6.43 -14.12 20.66
CA TRP A 289 5.87 -15.44 20.83
C TRP A 289 6.80 -16.32 21.66
N ARG A 290 8.08 -16.35 21.29
CA ARG A 290 9.09 -17.19 21.92
C ARG A 290 9.14 -17.00 23.44
N GLU A 291 8.89 -15.78 23.92
CA GLU A 291 9.03 -15.43 25.33
C GLU A 291 7.71 -15.38 26.07
N GLY A 292 6.61 -15.77 25.43
CA GLY A 292 5.33 -15.93 26.10
C GLY A 292 4.46 -14.69 26.17
N ARG A 293 4.74 -13.68 25.36
CA ARG A 293 4.03 -12.40 25.39
C ARG A 293 2.97 -12.30 24.29
N ALA A 294 2.86 -13.29 23.43
CA ALA A 294 1.86 -13.26 22.36
C ALA A 294 1.61 -14.67 21.85
N PRO A 295 0.40 -14.97 21.37
CA PRO A 295 0.12 -16.29 20.83
C PRO A 295 0.66 -16.44 19.42
N LEU A 296 0.92 -17.69 19.05
CA LEU A 296 1.55 -18.01 17.77
C LEU A 296 0.65 -17.63 16.59
N ASN A 297 -0.68 -17.85 16.72
CA ASN A 297 -1.54 -17.55 15.58
C ASN A 297 -1.45 -16.06 15.23
N ALA A 298 -1.36 -15.20 16.25
CA ALA A 298 -1.27 -13.76 16.01
C ALA A 298 0.09 -13.36 15.41
N VAL A 299 1.17 -14.00 15.86
CA VAL A 299 2.50 -13.60 15.38
C VAL A 299 2.75 -14.10 13.96
N GLU A 300 2.25 -15.29 13.62
CA GLU A 300 2.40 -15.81 12.27
C GLU A 300 1.55 -14.98 11.29
N GLY A 301 0.33 -14.61 11.69
CA GLY A 301 -0.51 -13.80 10.83
C GLY A 301 0.15 -12.50 10.42
N PHE A 302 0.85 -11.88 11.37
CA PHE A 302 1.54 -10.60 11.14
C PHE A 302 2.77 -10.79 10.25
N ILE A 303 3.62 -11.78 10.58
CA ILE A 303 4.82 -12.05 9.79
C ILE A 303 4.45 -12.47 8.37
N ARG A 304 3.32 -13.19 8.21
CA ARG A 304 2.86 -13.58 6.87
C ARG A 304 2.65 -12.36 5.99
N GLN A 305 2.14 -11.28 6.56
CA GLN A 305 1.86 -10.10 5.76
C GLN A 305 3.12 -9.44 5.23
N ILE A 306 4.24 -9.55 5.95
CA ILE A 306 5.44 -8.80 5.60
C ILE A 306 6.40 -9.62 4.72
N ILE A 307 6.76 -10.84 5.13
CA ILE A 307 7.61 -11.68 4.29
C ILE A 307 6.80 -12.42 3.21
N GLY A 308 5.48 -12.54 3.36
CA GLY A 308 4.66 -13.12 2.32
C GLY A 308 4.06 -12.09 1.36
N TRP A 309 2.97 -11.42 1.77
CA TRP A 309 2.24 -10.55 0.85
C TRP A 309 3.11 -9.40 0.33
N ARG A 310 3.81 -8.70 1.22
CA ARG A 310 4.53 -7.49 0.81
C ARG A 310 5.68 -7.81 -0.14
N GLU A 311 6.42 -8.88 0.13
CA GLU A 311 7.48 -9.31 -0.78
C GLU A 311 6.91 -9.89 -2.06
N PHE A 312 5.76 -10.57 -1.97
CA PHE A 312 5.18 -11.23 -3.13
C PHE A 312 4.75 -10.22 -4.19
N VAL A 313 4.11 -9.14 -3.76
CA VAL A 313 3.55 -8.20 -4.72
C VAL A 313 4.66 -7.37 -5.37
N ARG A 314 5.69 -7.01 -4.60
CA ARG A 314 6.84 -6.35 -5.20
C ARG A 314 7.46 -7.24 -6.26
N GLY A 315 7.60 -8.53 -5.97
CA GLY A 315 8.15 -9.44 -6.95
C GLY A 315 7.33 -9.45 -8.22
N ILE A 316 6.01 -9.50 -8.09
CA ILE A 316 5.11 -9.49 -9.24
C ILE A 316 5.29 -8.22 -10.05
N TYR A 317 5.39 -7.08 -9.37
CA TYR A 317 5.48 -5.78 -10.04
C TYR A 317 6.71 -5.73 -10.95
N TRP A 318 7.88 -6.07 -10.41
CA TRP A 318 9.11 -5.97 -11.19
C TRP A 318 9.20 -7.07 -12.24
N LEU A 319 8.55 -8.20 -12.01
CA LEU A 319 8.56 -9.28 -12.98
C LEU A 319 7.67 -8.97 -14.18
N LYS A 320 6.62 -8.18 -13.98
CA LYS A 320 5.58 -8.04 -15.01
C LYS A 320 5.48 -6.66 -15.63
N MET A 321 6.16 -5.65 -15.09
CA MET A 321 6.20 -4.35 -15.77
C MET A 321 7.14 -4.35 -17.00
N PRO A 322 6.88 -3.44 -17.96
CA PRO A 322 5.85 -2.37 -17.95
C PRO A 322 4.45 -2.75 -18.42
N GLU A 323 4.23 -3.99 -18.88
CA GLU A 323 2.93 -4.37 -19.42
C GLU A 323 1.88 -4.56 -18.34
N TYR A 324 2.28 -4.87 -17.10
CA TYR A 324 1.30 -5.02 -16.02
C TYR A 324 0.41 -3.79 -15.90
N ALA A 325 1.01 -2.61 -16.10
CA ALA A 325 0.31 -1.35 -15.86
C ALA A 325 -0.65 -0.99 -16.97
N GLN A 326 -0.73 -1.80 -18.02
CA GLN A 326 -1.59 -1.55 -19.15
C GLN A 326 -2.74 -2.53 -19.27
N ARG A 327 -2.72 -3.61 -18.49
CA ARG A 327 -3.75 -4.63 -18.55
C ARG A 327 -5.10 -4.12 -18.04
N ASN A 328 -6.18 -4.49 -18.77
CA ASN A 328 -7.56 -4.16 -18.38
C ASN A 328 -8.45 -5.37 -18.71
N ALA A 329 -8.32 -6.42 -17.89
CA ALA A 329 -8.79 -7.74 -18.30
C ALA A 329 -10.30 -7.82 -18.45
N LEU A 330 -11.04 -7.00 -17.71
CA LEU A 330 -12.49 -7.01 -17.75
C LEU A 330 -13.06 -5.84 -18.55
N ASP A 331 -12.22 -5.14 -19.33
CA ASP A 331 -12.62 -4.06 -20.22
C ASP A 331 -13.42 -2.97 -19.50
N ALA A 332 -12.99 -2.64 -18.29
CA ALA A 332 -13.67 -1.62 -17.51
C ALA A 332 -13.34 -0.23 -18.05
N GLN A 333 -14.39 0.56 -18.32
CA GLN A 333 -14.24 1.84 -18.98
C GLN A 333 -14.94 2.98 -18.24
N GLY A 334 -15.48 2.72 -17.04
CA GLY A 334 -16.28 3.69 -16.34
C GLY A 334 -15.44 4.79 -15.72
N LYS A 335 -16.12 5.85 -15.30
CA LYS A 335 -15.47 6.93 -14.57
C LYS A 335 -15.58 6.69 -13.07
N LEU A 336 -14.73 7.38 -12.33
CA LEU A 336 -14.73 7.27 -10.88
C LEU A 336 -15.76 8.20 -10.26
N PRO A 337 -16.66 7.70 -9.41
CA PRO A 337 -17.63 8.59 -8.77
C PRO A 337 -16.94 9.68 -7.95
N GLY A 338 -17.59 10.84 -7.90
CA GLY A 338 -17.01 11.96 -7.20
C GLY A 338 -16.90 11.76 -5.70
N PHE A 339 -17.72 10.87 -5.14
CA PHE A 339 -17.71 10.71 -3.69
C PHE A 339 -16.43 10.04 -3.20
N TYR A 340 -15.66 9.39 -4.10
CA TYR A 340 -14.34 8.90 -3.71
C TYR A 340 -13.44 10.03 -3.23
N TRP A 341 -13.62 11.23 -3.80
CA TRP A 341 -12.84 12.41 -3.44
C TRP A 341 -13.49 13.21 -2.32
N THR A 342 -14.83 13.32 -2.35
CA THR A 342 -15.53 14.20 -1.43
C THR A 342 -16.08 13.49 -0.20
N GLY A 343 -16.31 12.17 -0.26
CA GLY A 343 -16.90 11.44 0.84
C GLY A 343 -18.39 11.63 0.97
N GLN A 344 -19.02 12.37 0.05
CA GLN A 344 -20.44 12.70 0.12
C GLN A 344 -21.26 11.59 -0.55
N THR A 345 -21.48 10.52 0.20
CA THR A 345 -22.36 9.45 -0.23
C THR A 345 -23.14 8.93 0.98
N ASP A 346 -24.35 8.46 0.72
CA ASP A 346 -25.13 7.81 1.78
C ASP A 346 -24.71 6.37 2.05
N MET A 347 -23.77 5.77 1.30
CA MET A 347 -23.29 4.49 1.78
C MET A 347 -22.26 4.69 2.91
N ALA A 348 -22.68 4.28 4.12
CA ALA A 348 -21.94 4.58 5.33
C ALA A 348 -20.55 3.96 5.34
N CYS A 349 -20.38 2.80 4.68
CA CYS A 349 -19.10 2.11 4.66
C CYS A 349 -18.10 2.83 3.78
N VAL A 350 -18.52 3.21 2.59
CA VAL A 350 -17.68 4.01 1.70
C VAL A 350 -17.33 5.34 2.35
N ALA A 351 -18.34 6.03 2.87
CA ALA A 351 -18.12 7.33 3.51
C ALA A 351 -17.12 7.23 4.65
N ASP A 352 -17.20 6.19 5.46
CA ASP A 352 -16.27 6.10 6.60
C ASP A 352 -14.85 5.84 6.11
N THR A 353 -14.71 5.04 5.05
CA THR A 353 -13.40 4.75 4.51
C THR A 353 -12.77 5.99 3.87
N VAL A 354 -13.55 6.78 3.14
CA VAL A 354 -12.99 7.99 2.53
C VAL A 354 -12.67 9.03 3.60
N ARG A 355 -13.46 9.08 4.67
CA ARG A 355 -13.18 10.03 5.76
C ARG A 355 -11.81 9.76 6.37
N ALA A 356 -11.48 8.48 6.58
CA ALA A 356 -10.19 8.13 7.15
C ALA A 356 -9.06 8.49 6.19
N ALA A 357 -9.23 8.20 4.90
CA ALA A 357 -8.25 8.62 3.91
C ALA A 357 -8.02 10.12 4.01
N HIS A 358 -9.10 10.92 4.06
CA HIS A 358 -8.97 12.37 4.13
C HIS A 358 -8.25 12.79 5.42
N ASP A 359 -8.71 12.30 6.57
CA ASP A 359 -8.27 12.87 7.86
C ASP A 359 -6.94 12.30 8.31
N HIS A 360 -6.69 11.00 8.07
CA HIS A 360 -5.45 10.34 8.51
C HIS A 360 -4.57 9.79 7.40
N ALA A 361 -4.97 9.92 6.13
CA ALA A 361 -4.20 9.38 5.00
C ALA A 361 -3.94 7.89 5.17
N TYR A 362 -4.94 7.18 5.69
CA TYR A 362 -4.84 5.78 6.05
C TYR A 362 -6.22 5.18 6.18
N ALA A 363 -6.36 3.95 5.70
CA ALA A 363 -7.45 3.05 6.02
C ALA A 363 -6.84 1.66 6.11
N HIS A 364 -7.51 0.75 6.83
CA HIS A 364 -6.85 -0.53 7.02
C HIS A 364 -7.26 -1.53 5.92
N HIS A 365 -6.53 -2.64 5.89
CA HIS A 365 -6.47 -3.47 4.69
C HIS A 365 -7.84 -3.88 4.16
N ILE A 366 -8.76 -4.29 5.05
CA ILE A 366 -10.01 -4.85 4.55
C ILE A 366 -10.89 -3.77 3.93
N GLN A 367 -10.71 -2.51 4.32
CA GLN A 367 -11.43 -1.42 3.68
C GLN A 367 -10.87 -1.12 2.30
N ARG A 368 -9.54 -1.13 2.18
CA ARG A 368 -8.90 -0.93 0.88
C ARG A 368 -9.31 -2.04 -0.09
N LEU A 369 -9.46 -3.27 0.42
CA LEU A 369 -9.80 -4.41 -0.42
C LEU A 369 -11.29 -4.49 -0.69
N MET A 370 -12.10 -4.50 0.36
CA MET A 370 -13.45 -5.04 0.30
C MET A 370 -14.51 -3.95 0.25
N VAL A 371 -14.14 -2.68 0.48
CA VAL A 371 -15.06 -1.54 0.39
C VAL A 371 -14.74 -0.76 -0.89
N THR A 372 -13.73 0.11 -0.86
CA THR A 372 -13.49 0.95 -2.03
C THR A 372 -12.92 0.16 -3.21
N GLY A 373 -12.12 -0.86 -2.97
CA GLY A 373 -11.57 -1.61 -4.10
C GLY A 373 -12.65 -2.44 -4.79
N ASN A 374 -13.38 -3.21 -3.99
CA ASN A 374 -14.47 -4.03 -4.47
C ASN A 374 -15.49 -3.20 -5.24
N LEU A 375 -15.90 -2.07 -4.67
CA LEU A 375 -16.90 -1.20 -5.33
C LEU A 375 -16.41 -0.78 -6.71
N ALA A 376 -15.18 -0.31 -6.80
CA ALA A 376 -14.64 0.14 -8.10
C ALA A 376 -14.70 -0.98 -9.13
N MET A 377 -14.36 -2.21 -8.73
CA MET A 377 -14.48 -3.37 -9.60
C MET A 377 -15.89 -3.55 -10.11
N LEU A 378 -16.86 -3.55 -9.19
CA LEU A 378 -18.24 -3.85 -9.56
C LEU A 378 -18.82 -2.77 -10.44
N LEU A 379 -18.52 -1.50 -10.13
CA LEU A 379 -18.97 -0.41 -10.97
C LEU A 379 -18.33 -0.47 -12.34
N GLY A 380 -17.17 -1.13 -12.44
CA GLY A 380 -16.44 -1.21 -13.68
C GLY A 380 -15.65 0.04 -14.01
N VAL A 381 -14.98 0.63 -13.02
CA VAL A 381 -14.22 1.85 -13.22
C VAL A 381 -12.92 1.50 -13.93
N HIS A 382 -12.50 2.36 -14.86
CA HIS A 382 -11.25 2.16 -15.58
C HIS A 382 -10.10 2.06 -14.56
N PRO A 383 -9.23 1.05 -14.68
CA PRO A 383 -8.18 0.88 -13.66
C PRO A 383 -7.19 2.05 -13.57
N ASP A 384 -6.95 2.78 -14.67
CA ASP A 384 -6.13 3.99 -14.58
C ASP A 384 -6.72 4.98 -13.57
N ALA A 385 -8.05 5.08 -13.54
CA ALA A 385 -8.69 6.06 -12.67
C ALA A 385 -8.73 5.56 -11.22
N VAL A 386 -8.72 4.25 -11.01
CA VAL A 386 -8.63 3.67 -9.67
C VAL A 386 -7.22 3.82 -9.10
N ASP A 387 -6.19 3.57 -9.94
CA ASP A 387 -4.81 3.76 -9.53
C ASP A 387 -4.55 5.19 -9.09
N ASP A 388 -5.09 6.17 -9.83
N ASP A 388 -5.05 6.17 -9.84
CA ASP A 388 -4.87 7.58 -9.53
CA ASP A 388 -4.81 7.57 -9.49
C ASP A 388 -5.40 7.94 -8.15
C ASP A 388 -5.34 7.88 -8.10
N TRP A 389 -6.51 7.33 -7.74
CA TRP A 389 -7.06 7.59 -6.40
C TRP A 389 -6.19 6.97 -5.32
N TYR A 390 -5.84 5.68 -5.47
CA TYR A 390 -5.04 5.02 -4.45
C TYR A 390 -3.66 5.66 -4.27
N MET A 391 -3.03 6.09 -5.37
CA MET A 391 -1.75 6.74 -5.23
C MET A 391 -1.87 8.12 -4.57
N VAL A 392 -3.05 8.75 -4.64
CA VAL A 392 -3.22 10.08 -4.03
C VAL A 392 -3.45 9.97 -2.51
N VAL A 393 -4.36 9.08 -2.07
CA VAL A 393 -4.98 9.30 -0.76
C VAL A 393 -4.21 8.71 0.43
N PHE A 394 -3.28 7.79 0.21
CA PHE A 394 -2.66 7.05 1.31
C PHE A 394 -1.21 7.45 1.51
N ALA A 395 -0.81 7.52 2.79
CA ALA A 395 0.53 7.97 3.15
C ALA A 395 1.61 6.94 2.80
N ASP A 396 1.21 5.70 2.54
CA ASP A 396 2.13 4.61 2.29
C ASP A 396 2.28 4.31 0.79
N ALA A 397 1.74 5.18 -0.06
CA ALA A 397 1.49 4.85 -1.45
C ALA A 397 2.75 4.92 -2.30
N TYR A 398 3.10 3.79 -2.92
CA TYR A 398 4.16 3.70 -3.91
C TYR A 398 3.74 2.68 -4.97
N GLU A 399 4.24 2.85 -6.20
CA GLU A 399 3.65 2.12 -7.32
C GLU A 399 3.89 0.61 -7.22
N TRP A 400 5.02 0.21 -6.65
CA TRP A 400 5.41 -1.20 -6.63
C TRP A 400 4.50 -2.01 -5.73
N VAL A 401 3.84 -1.37 -4.77
CA VAL A 401 2.93 -2.04 -3.87
C VAL A 401 1.47 -1.72 -4.20
N GLU A 402 1.19 -0.44 -4.51
CA GLU A 402 -0.17 -0.04 -4.87
C GLU A 402 -0.69 -0.80 -6.08
N MET A 403 0.09 -0.88 -7.16
CA MET A 403 -0.40 -1.51 -8.40
C MET A 403 -0.85 -2.94 -8.23
N PRO A 404 0.01 -3.89 -7.81
CA PRO A 404 -0.46 -5.27 -7.73
C PRO A 404 -1.60 -5.45 -6.76
N ASN A 405 -1.68 -4.61 -5.72
CA ASN A 405 -2.75 -4.72 -4.74
C ASN A 405 -4.07 -4.19 -5.31
N THR A 406 -4.00 -3.05 -6.00
CA THR A 406 -5.18 -2.36 -6.51
C THR A 406 -5.60 -2.92 -7.86
N ARG A 407 -4.68 -2.90 -8.84
CA ARG A 407 -4.95 -3.41 -10.17
C ARG A 407 -5.04 -4.92 -10.20
N GLY A 408 -4.52 -5.60 -9.19
CA GLY A 408 -4.55 -7.04 -9.10
C GLY A 408 -5.55 -7.57 -8.08
N MET A 409 -5.19 -7.54 -6.80
CA MET A 409 -5.99 -8.22 -5.79
C MET A 409 -7.39 -7.61 -5.69
N ALA A 410 -7.48 -6.28 -5.67
CA ALA A 410 -8.74 -5.60 -5.39
C ALA A 410 -9.70 -5.61 -6.57
N THR A 411 -9.21 -5.52 -7.82
CA THR A 411 -10.10 -5.30 -8.96
C THR A 411 -9.96 -6.28 -10.13
N PHE A 412 -9.03 -7.24 -10.06
CA PHE A 412 -8.90 -8.31 -11.06
C PHE A 412 -8.59 -7.77 -12.47
N ALA A 413 -8.18 -6.50 -12.58
CA ALA A 413 -7.84 -5.92 -13.86
C ALA A 413 -6.63 -6.58 -14.48
N ASP A 414 -5.87 -7.35 -13.71
CA ASP A 414 -4.73 -8.07 -14.22
C ASP A 414 -5.08 -9.49 -14.61
N GLY A 415 -6.34 -9.89 -14.40
CA GLY A 415 -6.80 -11.19 -14.81
C GLY A 415 -6.43 -12.32 -13.89
N GLY A 416 -6.09 -12.04 -12.64
CA GLY A 416 -5.83 -13.06 -11.65
C GLY A 416 -4.38 -13.38 -11.37
N ILE A 417 -3.44 -12.56 -11.81
CA ILE A 417 -2.03 -12.85 -11.59
C ILE A 417 -1.71 -12.87 -10.10
N VAL A 418 -2.22 -11.90 -9.35
CA VAL A 418 -1.80 -11.69 -7.96
C VAL A 418 -2.67 -12.44 -6.96
N GLY A 419 -3.95 -12.11 -6.92
CA GLY A 419 -4.93 -12.96 -6.29
C GLY A 419 -5.09 -14.13 -7.22
N SER A 420 -6.15 -14.88 -7.04
CA SER A 420 -6.38 -15.93 -8.01
C SER A 420 -7.79 -15.89 -8.54
N LYS A 421 -8.64 -15.07 -7.95
CA LYS A 421 -10.07 -15.01 -8.13
C LYS A 421 -10.47 -13.58 -7.86
N PRO A 422 -11.53 -13.09 -8.48
CA PRO A 422 -12.07 -11.79 -8.07
C PRO A 422 -12.49 -11.85 -6.61
N TYR A 423 -12.12 -10.81 -5.86
CA TYR A 423 -12.57 -10.69 -4.47
C TYR A 423 -13.91 -9.97 -4.37
N ALA A 424 -14.82 -10.29 -5.28
CA ALA A 424 -16.12 -9.64 -5.34
C ALA A 424 -16.98 -10.02 -4.14
N ALA A 425 -17.78 -9.05 -3.66
CA ALA A 425 -18.65 -9.32 -2.53
C ALA A 425 -19.88 -8.42 -2.59
N SER A 426 -20.98 -8.93 -2.04
CA SER A 426 -22.21 -8.17 -1.87
C SER A 426 -22.19 -7.45 -0.51
N GLY A 427 -23.28 -6.75 -0.21
CA GLY A 427 -23.36 -6.06 1.07
C GLY A 427 -23.38 -7.01 2.26
N ALA A 428 -23.73 -8.27 2.05
CA ALA A 428 -23.85 -9.21 3.15
C ALA A 428 -22.49 -9.46 3.82
N TYR A 429 -21.40 -9.42 3.05
CA TYR A 429 -20.08 -9.58 3.64
C TYR A 429 -19.77 -8.42 4.58
N ILE A 430 -19.96 -7.19 4.09
CA ILE A 430 -19.68 -5.99 4.88
C ILE A 430 -20.54 -5.96 6.14
N ASP A 431 -21.79 -6.39 6.03
CA ASP A 431 -22.65 -6.47 7.21
C ASP A 431 -22.11 -7.48 8.22
N ARG A 432 -21.59 -8.61 7.73
CA ARG A 432 -21.08 -9.63 8.64
C ARG A 432 -19.84 -9.15 9.39
N MET A 433 -19.01 -8.34 8.76
CA MET A 433 -17.70 -7.97 9.30
C MET A 433 -17.68 -6.60 9.97
N SER A 434 -18.82 -5.93 10.12
CA SER A 434 -18.84 -4.53 10.53
C SER A 434 -20.13 -4.21 11.27
N ASP A 435 -20.16 -2.99 11.84
CA ASP A 435 -21.33 -2.40 12.47
C ASP A 435 -21.95 -1.31 11.61
N TYR A 436 -21.68 -1.32 10.30
CA TYR A 436 -22.00 -0.21 9.42
C TYR A 436 -23.47 -0.17 9.05
N CYS A 437 -24.02 -1.32 8.64
CA CYS A 437 -25.31 -1.29 7.95
C CYS A 437 -26.45 -0.86 8.87
N LYS A 438 -26.34 -1.09 10.18
CA LYS A 438 -27.41 -0.66 11.08
C LYS A 438 -27.62 0.85 11.03
N GLY A 439 -26.56 1.61 10.78
CA GLY A 439 -26.64 3.05 10.68
C GLY A 439 -26.79 3.57 9.26
N CYS A 440 -26.76 2.67 8.28
CA CYS A 440 -26.88 3.06 6.89
C CYS A 440 -28.34 3.29 6.51
N ARG A 441 -28.58 4.31 5.69
CA ARG A 441 -29.93 4.54 5.20
C ARG A 441 -30.36 3.48 4.21
N TYR A 442 -29.42 2.72 3.65
CA TYR A 442 -29.77 1.63 2.75
C TYR A 442 -30.12 0.38 3.54
N ASP A 443 -30.90 -0.49 2.90
CA ASP A 443 -31.27 -1.78 3.47
C ASP A 443 -30.43 -2.86 2.83
N VAL A 444 -29.60 -3.52 3.65
CA VAL A 444 -28.69 -4.56 3.20
C VAL A 444 -29.41 -5.87 2.89
N LYS A 445 -30.69 -5.94 3.23
CA LYS A 445 -31.46 -7.13 2.93
C LYS A 445 -32.11 -7.06 1.57
N LYS A 446 -32.19 -5.87 0.98
CA LYS A 446 -32.90 -5.66 -0.27
C LYS A 446 -31.94 -5.44 -1.41
N ARG A 447 -32.35 -5.87 -2.60
CA ARG A 447 -31.51 -5.80 -3.80
C ARG A 447 -32.04 -4.83 -4.84
N LEU A 448 -33.35 -4.61 -4.89
CA LEU A 448 -33.98 -3.67 -5.81
C LEU A 448 -34.66 -2.55 -5.03
N GLY A 449 -34.70 -1.37 -5.62
CA GLY A 449 -35.35 -0.21 -5.04
C GLY A 449 -34.38 0.92 -4.76
N ASP A 450 -34.96 2.07 -4.35
CA ASP A 450 -34.13 3.22 -4.00
C ASP A 450 -33.53 3.13 -2.61
N ASP A 451 -33.99 2.21 -1.77
N ASP A 451 -34.00 2.20 -1.78
CA ASP A 451 -33.43 2.01 -0.44
CA ASP A 451 -33.45 2.00 -0.45
C ASP A 451 -32.50 0.80 -0.37
C ASP A 451 -32.52 0.80 -0.37
N ALA A 452 -32.32 0.09 -1.48
CA ALA A 452 -31.48 -1.10 -1.48
C ALA A 452 -30.01 -0.75 -1.43
N CYS A 453 -29.22 -1.64 -0.83
CA CYS A 453 -27.79 -1.43 -0.74
C CYS A 453 -27.15 -1.62 -2.11
N PRO A 454 -26.38 -0.64 -2.60
CA PRO A 454 -25.86 -0.72 -3.98
C PRO A 454 -24.96 -1.91 -4.23
N PHE A 455 -24.40 -2.51 -3.18
CA PHE A 455 -23.46 -3.62 -3.37
C PHE A 455 -24.18 -4.88 -3.86
N ASN A 456 -25.47 -5.01 -3.55
CA ASN A 456 -26.16 -6.26 -3.83
C ASN A 456 -26.49 -6.39 -5.32
N ALA A 457 -27.15 -5.39 -5.90
CA ALA A 457 -27.44 -5.47 -7.33
C ALA A 457 -26.17 -5.41 -8.17
N LEU A 458 -25.16 -4.69 -7.69
CA LEU A 458 -23.93 -4.55 -8.47
C LEU A 458 -23.13 -5.86 -8.46
N TYR A 459 -23.09 -6.54 -7.32
CA TYR A 459 -22.42 -7.83 -7.23
C TYR A 459 -22.96 -8.80 -8.26
N TRP A 460 -24.28 -8.88 -8.39
CA TRP A 460 -24.88 -9.88 -9.25
C TRP A 460 -24.75 -9.50 -10.71
N ASP A 461 -24.79 -8.20 -11.01
CA ASP A 461 -24.56 -7.74 -12.38
C ASP A 461 -23.15 -8.05 -12.83
N PHE A 462 -22.18 -7.95 -11.89
CA PHE A 462 -20.79 -8.27 -12.18
C PHE A 462 -20.63 -9.75 -12.46
N ILE A 463 -21.21 -10.58 -11.60
CA ILE A 463 -21.24 -12.03 -11.81
C ILE A 463 -21.91 -12.36 -13.15
N ASP A 464 -23.07 -11.74 -13.41
CA ASP A 464 -23.77 -11.99 -14.67
C ASP A 464 -22.95 -11.51 -15.85
N ARG A 465 -22.31 -10.35 -15.73
CA ARG A 465 -21.54 -9.77 -16.82
C ARG A 465 -20.42 -10.69 -17.26
N HIS A 466 -19.75 -11.35 -16.30
CA HIS A 466 -18.54 -12.10 -16.56
C HIS A 466 -18.69 -13.59 -16.32
N ALA A 467 -19.92 -14.09 -16.17
CA ALA A 467 -20.19 -15.49 -15.88
C ALA A 467 -19.32 -16.42 -16.70
N GLN A 468 -19.13 -16.08 -17.98
CA GLN A 468 -18.36 -16.92 -18.88
C GLN A 468 -16.87 -16.86 -18.61
N ARG A 469 -16.33 -15.67 -18.33
CA ARG A 469 -14.91 -15.60 -18.03
C ARG A 469 -14.63 -16.29 -16.70
N LEU A 470 -15.47 -16.02 -15.70
CA LEU A 470 -15.34 -16.64 -14.39
C LEU A 470 -15.64 -18.13 -14.40
N ALA A 471 -16.25 -18.66 -15.46
CA ALA A 471 -16.55 -20.08 -15.48
C ALA A 471 -15.29 -20.92 -15.66
N GLY A 472 -14.25 -20.33 -16.27
CA GLY A 472 -13.06 -21.07 -16.62
C GLY A 472 -11.97 -21.13 -15.58
N ASN A 473 -12.09 -20.41 -14.47
CA ASN A 473 -11.05 -20.49 -13.45
C ASN A 473 -11.34 -21.55 -12.40
N GLY A 474 -12.54 -21.54 -11.82
CA GLY A 474 -13.02 -22.66 -11.01
C GLY A 474 -13.22 -22.38 -9.54
N ARG A 475 -12.79 -21.25 -9.00
CA ARG A 475 -12.99 -20.93 -7.60
C ARG A 475 -14.21 -20.05 -7.38
N MET A 476 -15.08 -19.93 -8.39
CA MET A 476 -16.24 -19.05 -8.34
C MET A 476 -17.53 -19.85 -8.51
N MET A 477 -17.54 -21.10 -8.05
CA MET A 477 -18.57 -22.03 -8.51
C MET A 477 -19.92 -21.76 -7.84
N MET A 478 -19.95 -21.62 -6.50
CA MET A 478 -21.19 -21.28 -5.77
C MET A 478 -21.91 -20.11 -6.45
N PRO A 479 -21.29 -18.94 -6.62
CA PRO A 479 -22.05 -17.81 -7.20
C PRO A 479 -22.56 -18.08 -8.61
N LEU A 480 -21.90 -18.96 -9.37
CA LEU A 480 -22.35 -19.20 -10.73
C LEU A 480 -23.57 -20.11 -10.78
N ARG A 481 -23.58 -21.19 -10.00
CA ARG A 481 -24.79 -22.01 -9.99
C ARG A 481 -25.95 -21.25 -9.37
N THR A 482 -25.69 -20.37 -8.41
CA THR A 482 -26.77 -19.58 -7.82
C THR A 482 -27.36 -18.62 -8.86
N LEU A 483 -26.51 -18.00 -9.67
CA LEU A 483 -26.99 -17.21 -10.81
C LEU A 483 -27.76 -18.08 -11.79
N GLU A 484 -27.35 -19.35 -11.91
CA GLU A 484 -27.92 -20.24 -12.90
C GLU A 484 -29.34 -20.65 -12.53
N LYS A 485 -29.68 -20.63 -11.24
CA LYS A 485 -31.00 -20.98 -10.74
C LYS A 485 -31.91 -19.76 -10.67
N MET A 486 -31.46 -18.62 -11.14
CA MET A 486 -32.22 -17.38 -11.15
C MET A 486 -33.08 -17.31 -12.40
N PRO A 487 -34.40 -17.12 -12.27
CA PRO A 487 -35.23 -16.90 -13.46
C PRO A 487 -34.79 -15.62 -14.17
N ASP A 488 -35.08 -15.55 -15.47
CA ASP A 488 -34.55 -14.47 -16.29
C ASP A 488 -35.12 -13.11 -15.89
N ALA A 489 -36.39 -13.07 -15.47
CA ALA A 489 -36.98 -11.83 -14.99
C ALA A 489 -36.35 -11.36 -13.68
N GLU A 490 -35.61 -12.23 -12.99
CA GLU A 490 -34.91 -11.83 -11.78
C GLU A 490 -33.57 -11.22 -12.14
N ARG A 491 -32.89 -11.79 -13.13
CA ARG A 491 -31.64 -11.23 -13.63
C ARG A 491 -31.86 -9.87 -14.27
N GLU A 492 -32.87 -9.77 -15.16
CA GLU A 492 -33.16 -8.51 -15.83
C GLU A 492 -33.40 -7.39 -14.83
N ALA A 493 -34.00 -7.73 -13.69
CA ALA A 493 -34.31 -6.72 -12.68
C ALA A 493 -33.03 -6.14 -12.07
N PHE A 494 -32.02 -6.97 -11.77
CA PHE A 494 -30.82 -6.41 -11.17
C PHE A 494 -29.91 -5.79 -12.22
N ARG A 495 -29.92 -6.32 -13.45
CA ARG A 495 -29.23 -5.64 -14.54
C ARG A 495 -29.75 -4.21 -14.68
N LYS A 496 -31.07 -4.05 -14.64
CA LYS A 496 -31.69 -2.74 -14.75
C LYS A 496 -31.30 -1.85 -13.57
N GLN A 497 -31.30 -2.40 -12.36
N GLN A 497 -31.30 -2.40 -12.36
CA GLN A 497 -30.99 -1.61 -11.18
CA GLN A 497 -30.99 -1.61 -11.18
C GLN A 497 -29.52 -1.21 -11.17
C GLN A 497 -29.52 -1.22 -11.14
N ALA A 498 -28.63 -2.11 -11.58
CA ALA A 498 -27.21 -1.79 -11.61
C ALA A 498 -26.92 -0.73 -12.66
N ARG A 499 -27.57 -0.82 -13.82
CA ARG A 499 -27.46 0.20 -14.84
C ARG A 499 -27.89 1.55 -14.28
N ALA A 500 -29.03 1.58 -13.59
CA ALA A 500 -29.52 2.79 -12.96
C ALA A 500 -28.50 3.35 -11.97
N LEU A 501 -27.81 2.47 -11.24
CA LEU A 501 -26.87 2.94 -10.23
C LEU A 501 -25.62 3.54 -10.87
N ARG A 502 -25.16 2.97 -11.99
CA ARG A 502 -23.99 3.52 -12.67
C ARG A 502 -24.25 4.93 -13.19
N VAL A 503 -25.45 5.18 -13.72
CA VAL A 503 -25.80 6.55 -14.14
C VAL A 503 -25.89 7.45 -12.90
N LYS A 504 -26.62 7.00 -11.88
CA LYS A 504 -26.80 7.77 -10.65
C LYS A 504 -25.47 8.23 -10.07
N MET A 505 -24.45 7.40 -10.20
CA MET A 505 -23.18 7.57 -9.51
C MET A 505 -22.15 8.29 -10.38
N GLY A 506 -22.50 8.60 -11.62
CA GLY A 506 -21.58 9.31 -12.49
C GLY A 506 -20.49 8.43 -13.06
N VAL A 507 -20.77 7.15 -13.24
CA VAL A 507 -19.79 6.20 -13.76
C VAL A 507 -19.90 6.06 -15.28
N SER A 508 -21.13 6.00 -15.79
CA SER A 508 -21.35 5.87 -17.22
C SER A 508 -22.53 6.73 -17.64
PA FAD B . -0.85 -4.13 9.30
O1A FAD B . -2.26 -4.57 9.12
O2A FAD B . -0.33 -3.90 10.69
O5B FAD B . 0.11 -5.13 8.47
C5B FAD B . 1.52 -5.14 8.79
C4B FAD B . 2.36 -4.82 7.56
O4B FAD B . 2.14 -5.81 6.52
C3B FAD B . 2.05 -3.51 6.86
O3B FAD B . 2.63 -2.43 7.56
C2B FAD B . 2.72 -3.74 5.50
O2B FAD B . 4.12 -3.57 5.56
C1B FAD B . 2.40 -5.20 5.26
N9A FAD B . 1.24 -5.47 4.41
C8A FAD B . 0.02 -5.94 4.80
N7A FAD B . -0.75 -6.24 3.78
C5A FAD B . 0.00 -5.94 2.66
C6A FAD B . -0.27 -6.02 1.28
N6A FAD B . -1.39 -6.54 0.79
N1A FAD B . 0.72 -5.64 0.43
C2A FAD B . 1.85 -5.16 0.94
N3A FAD B . 2.22 -5.04 2.22
C4A FAD B . 1.23 -5.46 3.03
N1 FAD B . 0.14 -1.19 1.20
C2 FAD B . 1.11 -0.26 1.08
O2 FAD B . 2.16 -0.35 1.75
N3 FAD B . 1.03 0.77 0.17
C4 FAD B . -0.07 0.95 -0.63
O4 FAD B . -0.09 1.88 -1.43
C4X FAD B . -1.13 -0.01 -0.51
N5 FAD B . -2.18 0.09 -1.27
C5X FAD B . -3.15 -0.86 -1.15
C6 FAD B . -4.25 -0.79 -2.03
C7 FAD B . -5.23 -1.75 -2.00
C7M FAD B . -6.39 -1.67 -2.98
C8 FAD B . -5.15 -2.81 -1.07
C8M FAD B . -6.22 -3.86 -1.02
C9 FAD B . -4.09 -2.87 -0.19
C9A FAD B . -3.07 -1.91 -0.20
N10 FAD B . -1.98 -1.95 0.68
C10 FAD B . -0.94 -1.06 0.47
C1' FAD B . -1.74 -3.12 1.59
C2' FAD B . -2.28 -2.84 3.00
O2' FAD B . -3.61 -2.38 2.90
C3' FAD B . -1.41 -1.88 3.80
O3' FAD B . -0.05 -2.31 3.80
C4' FAD B . -1.87 -1.78 5.25
O4' FAD B . -3.23 -1.34 5.27
C5' FAD B . -0.99 -0.84 6.06
O5' FAD B . -1.50 -0.78 7.40
P FAD B . -0.62 -1.23 8.65
O1P FAD B . 0.77 -0.78 8.57
O2P FAD B . -1.46 -0.86 9.84
O3P FAD B . -0.61 -2.82 8.42
C7 DLZ C . 6.99 10.24 -2.99
C7A DLZ C . 8.07 11.27 -3.06
C5A DLZ C . 7.81 12.62 -2.79
C6 DLZ C . 6.45 13.13 -2.41
N5 DLZ C . 8.78 13.51 -2.87
C4A DLZ C . 9.99 13.13 -3.19
C4 DLZ C . 11.05 14.14 -3.26
O4 DLZ C . 10.88 15.32 -3.04
N3 DLZ C . 12.27 13.62 -3.61
C2 DLZ C . 12.56 12.28 -3.89
O2 DLZ C . 13.70 11.97 -4.18
N1 DLZ C . 11.55 11.39 -3.80
C8 DLZ C . 10.35 11.79 -3.48
N8 DLZ C . 9.33 10.89 -3.39
C1' DLZ C . 9.64 9.48 -3.70
C2' DLZ C . 9.71 9.29 -5.22
O2' DLZ C . 8.78 10.11 -5.88
C3' DLZ C . 9.47 7.82 -5.61
O3' DLZ C . 8.12 7.44 -5.49
C4' DLZ C . 10.39 6.85 -4.86
O4' DLZ C . 11.73 7.26 -4.81
C5' DLZ C . 10.24 5.46 -5.47
O5' DLZ C . 11.51 4.86 -5.48
FE1 SF4 D . -24.01 -1.84 4.59
FE2 SF4 D . -24.59 -1.44 1.93
FE3 SF4 D . -22.34 -0.39 3.01
FE4 SF4 D . -24.84 0.62 3.68
S1 SF4 D . -23.86 0.66 1.66
S2 SF4 D . -23.08 0.15 5.11
S3 SF4 D . -26.05 -1.28 3.66
S4 SF4 D . -22.79 -2.59 2.81
#